data_1GY0
#
_entry.id   1GY0
#
_cell.length_a   81.466
_cell.length_b   81.466
_cell.length_c   77.536
_cell.angle_alpha   90.00
_cell.angle_beta   90.00
_cell.angle_gamma   120.00
#
_symmetry.space_group_name_H-M   'P 31 2 1'
#
loop_
_entity.id
_entity.type
_entity.pdbx_description
1 polymer 'T-CELL ECTO-ADP-RIBOSYLTRANSFERASE 2'
2 water water
#
_entity_poly.entity_id   1
_entity_poly.type   'polypeptide(L)'
_entity_poly.pdbx_seq_one_letter_code
;LTGPLMLDTAPNAFDDQYEGCVNKMEEKAPLLLQEDFNMNAKLKVAWEEAKKRWNNIKPSRSYPKGFNDFHGTALVAYTG
SIAVDFNRAVREFKENPGQFHYKAFHYYLTRALQLLSNGDCHSVYRGTKTRFHYTGAGSVRFGQFTSSSLSKKVAQSQEF
FSDHGTLFIIKTCLGVYIKEFSFRPDQEEVLIPGYEVYQKVRTQGYNEIFLDSPKRKKSNYNCLYS
;
_entity_poly.pdbx_strand_id   A
#
# COMPACT_ATOMS: atom_id res chain seq x y z
N PRO A 4 -16.60 9.00 -10.87
CA PRO A 4 -15.50 9.31 -9.93
C PRO A 4 -15.53 8.34 -8.77
N LEU A 5 -14.50 8.42 -7.92
CA LEU A 5 -14.42 7.55 -6.75
C LEU A 5 -14.55 8.41 -5.49
N MET A 6 -15.05 7.81 -4.42
CA MET A 6 -15.25 8.52 -3.17
C MET A 6 -14.00 8.49 -2.31
N LEU A 7 -13.71 9.61 -1.66
CA LEU A 7 -12.56 9.70 -0.79
C LEU A 7 -13.15 9.88 0.62
N ASP A 8 -12.89 8.91 1.51
CA ASP A 8 -13.42 8.94 2.88
C ASP A 8 -12.54 8.17 3.87
N THR A 9 -13.10 7.69 4.97
CA THR A 9 -12.29 6.94 5.94
C THR A 9 -12.07 5.46 5.58
N ALA A 10 -12.44 5.06 4.36
CA ALA A 10 -12.28 3.66 3.94
C ALA A 10 -12.88 2.73 4.98
N PRO A 11 -14.17 2.91 5.28
CA PRO A 11 -14.83 2.05 6.27
C PRO A 11 -14.88 0.56 5.96
N ASN A 12 -14.89 0.20 4.68
CA ASN A 12 -14.98 -1.20 4.30
C ASN A 12 -13.66 -1.86 3.84
N ALA A 13 -12.56 -1.11 3.89
CA ALA A 13 -11.26 -1.63 3.46
C ALA A 13 -10.58 -2.54 4.49
N PHE A 14 -9.92 -3.60 4.03
CA PHE A 14 -9.21 -4.48 4.97
C PHE A 14 -8.03 -3.58 5.37
N ASP A 15 -7.86 -3.36 6.67
CA ASP A 15 -6.81 -2.45 7.12
C ASP A 15 -5.94 -2.98 8.24
N ASP A 16 -5.88 -4.30 8.35
CA ASP A 16 -5.11 -4.93 9.42
C ASP A 16 -3.72 -4.34 9.61
N GLN A 17 -3.40 -4.03 10.87
CA GLN A 17 -2.09 -3.50 11.25
C GLN A 17 -1.35 -4.57 12.05
N TYR A 18 -2.04 -5.67 12.35
CA TYR A 18 -1.44 -6.80 13.08
C TYR A 18 -0.84 -6.46 14.46
N GLU A 19 -1.57 -5.71 15.26
CA GLU A 19 -1.09 -5.35 16.58
C GLU A 19 -1.25 -6.53 17.52
N GLY A 20 -0.13 -7.01 18.07
CA GLY A 20 -0.17 -8.13 18.98
C GLY A 20 -0.11 -9.50 18.33
N CYS A 21 -0.02 -9.59 17.01
CA CYS A 21 0.02 -10.93 16.41
C CYS A 21 1.11 -11.12 15.36
N VAL A 22 2.15 -10.28 15.41
CA VAL A 22 3.26 -10.40 14.47
C VAL A 22 3.91 -11.78 14.55
N ASN A 23 4.26 -12.22 15.76
CA ASN A 23 4.91 -13.52 15.93
C ASN A 23 4.03 -14.67 15.45
N LYS A 24 2.75 -14.61 15.78
CA LYS A 24 1.87 -15.67 15.33
C LYS A 24 1.75 -15.65 13.81
N MET A 25 1.66 -14.47 13.22
CA MET A 25 1.53 -14.39 11.77
C MET A 25 2.76 -14.92 11.00
N GLU A 26 3.96 -14.57 11.45
CA GLU A 26 5.18 -15.05 10.77
C GLU A 26 5.25 -16.58 10.75
N GLU A 27 4.57 -17.21 11.69
CA GLU A 27 4.57 -18.66 11.77
C GLU A 27 3.48 -19.25 10.88
N LYS A 28 2.35 -18.56 10.81
CA LYS A 28 1.21 -19.03 10.01
C LYS A 28 1.12 -18.50 8.56
N ALA A 29 1.67 -17.32 8.30
CA ALA A 29 1.59 -16.75 6.96
C ALA A 29 2.17 -17.64 5.86
N PRO A 30 3.18 -18.49 6.16
CA PRO A 30 3.67 -19.31 5.05
C PRO A 30 2.62 -20.26 4.46
N LEU A 31 1.81 -20.85 5.34
CA LEU A 31 0.77 -21.76 4.89
C LEU A 31 -0.35 -20.91 4.26
N LEU A 32 -0.64 -19.76 4.87
CA LEU A 32 -1.65 -18.86 4.32
C LEU A 32 -1.30 -18.51 2.89
N LEU A 33 -0.01 -18.29 2.62
CA LEU A 33 0.44 -17.92 1.27
C LEU A 33 0.15 -19.01 0.24
N GLN A 34 0.36 -20.25 0.61
CA GLN A 34 0.09 -21.38 -0.28
C GLN A 34 -1.41 -21.41 -0.60
N GLU A 35 -2.22 -21.08 0.40
CA GLU A 35 -3.68 -21.04 0.26
C GLU A 35 -4.09 -19.90 -0.68
N ASP A 36 -3.48 -18.73 -0.50
CA ASP A 36 -3.75 -17.60 -1.37
C ASP A 36 -3.44 -18.04 -2.80
N PHE A 37 -2.29 -18.69 -2.97
CA PHE A 37 -1.83 -19.15 -4.29
C PHE A 37 -2.76 -20.16 -4.94
N ASN A 38 -3.27 -21.09 -4.15
CA ASN A 38 -4.16 -22.12 -4.66
C ASN A 38 -5.45 -21.53 -5.22
N MET A 39 -5.77 -20.29 -4.86
CA MET A 39 -6.98 -19.68 -5.37
C MET A 39 -6.75 -18.32 -6.00
N ASN A 40 -5.50 -18.05 -6.36
CA ASN A 40 -5.16 -16.78 -6.96
C ASN A 40 -3.96 -16.97 -7.88
N ALA A 41 -4.24 -17.44 -9.10
CA ALA A 41 -3.22 -17.70 -10.11
C ALA A 41 -2.40 -16.47 -10.49
N LYS A 42 -3.05 -15.33 -10.57
CA LYS A 42 -2.32 -14.13 -10.92
C LYS A 42 -1.30 -13.79 -9.84
N LEU A 43 -1.68 -13.93 -8.57
CA LEU A 43 -0.76 -13.61 -7.48
C LEU A 43 0.42 -14.57 -7.48
N LYS A 44 0.12 -15.86 -7.63
CA LYS A 44 1.19 -16.85 -7.65
C LYS A 44 2.22 -16.53 -8.74
N VAL A 45 1.74 -16.21 -9.95
CA VAL A 45 2.64 -15.86 -11.04
C VAL A 45 3.44 -14.60 -10.72
N ALA A 46 2.75 -13.58 -10.24
CA ALA A 46 3.43 -12.34 -9.90
C ALA A 46 4.46 -12.57 -8.78
N TRP A 47 4.12 -13.44 -7.83
CA TRP A 47 5.04 -13.71 -6.73
C TRP A 47 6.31 -14.45 -7.18
N GLU A 48 6.14 -15.48 -8.01
CA GLU A 48 7.28 -16.24 -8.50
C GLU A 48 8.27 -15.36 -9.24
N GLU A 49 7.76 -14.39 -10.00
CA GLU A 49 8.63 -13.48 -10.73
C GLU A 49 9.27 -12.47 -9.78
N ALA A 50 8.50 -12.01 -8.80
CA ALA A 50 9.02 -11.05 -7.83
C ALA A 50 10.16 -11.71 -7.03
N LYS A 51 10.03 -13.00 -6.75
CA LYS A 51 11.06 -13.72 -5.98
C LYS A 51 12.40 -13.73 -6.74
N LYS A 52 12.35 -13.95 -8.04
CA LYS A 52 13.58 -13.96 -8.83
C LYS A 52 14.29 -12.61 -8.75
N ARG A 53 13.51 -11.53 -8.86
CA ARG A 53 14.06 -10.20 -8.79
C ARG A 53 14.57 -9.88 -7.39
N TRP A 54 13.85 -10.35 -6.37
CA TRP A 54 14.27 -10.12 -4.99
C TRP A 54 15.64 -10.76 -4.77
N ASN A 55 15.80 -11.99 -5.25
CA ASN A 55 17.07 -12.71 -5.10
C ASN A 55 18.22 -11.82 -5.58
N ASN A 56 18.00 -11.08 -6.67
CA ASN A 56 19.02 -10.19 -7.23
C ASN A 56 19.24 -8.90 -6.46
N ILE A 57 18.16 -8.38 -5.89
CA ILE A 57 18.17 -7.15 -5.10
C ILE A 57 18.77 -7.32 -3.71
N LYS A 58 18.37 -8.39 -3.03
CA LYS A 58 18.82 -8.66 -1.66
C LYS A 58 20.31 -8.43 -1.29
N PRO A 59 21.25 -8.98 -2.09
CA PRO A 59 22.69 -8.82 -1.80
C PRO A 59 23.26 -7.40 -1.73
N SER A 60 22.57 -6.44 -2.33
CA SER A 60 23.07 -5.08 -2.38
C SER A 60 22.97 -4.22 -1.13
N ARG A 61 22.16 -4.63 -0.16
CA ARG A 61 21.99 -3.88 1.09
C ARG A 61 21.60 -4.80 2.22
N SER A 62 21.71 -4.28 3.43
CA SER A 62 21.32 -5.05 4.60
C SER A 62 19.89 -4.59 4.87
N TYR A 63 19.11 -5.44 5.53
CA TYR A 63 17.73 -5.09 5.84
C TYR A 63 17.48 -5.23 7.33
N PRO A 64 16.42 -4.57 7.83
CA PRO A 64 16.03 -4.57 9.25
C PRO A 64 15.97 -5.96 9.86
N LYS A 65 16.31 -6.02 11.13
CA LYS A 65 16.27 -7.29 11.86
C LYS A 65 14.84 -7.82 11.68
N GLY A 66 14.71 -9.06 11.25
CA GLY A 66 13.39 -9.65 11.09
C GLY A 66 12.84 -9.54 9.68
N PHE A 67 13.41 -8.65 8.87
CA PHE A 67 12.96 -8.50 7.50
C PHE A 67 13.45 -9.74 6.75
N ASN A 68 12.52 -10.53 6.21
CA ASN A 68 12.88 -11.76 5.52
C ASN A 68 12.49 -11.77 4.03
N ASP A 69 12.72 -12.90 3.36
CA ASP A 69 12.41 -13.02 1.95
C ASP A 69 10.92 -12.79 1.61
N PHE A 70 10.02 -13.14 2.53
CA PHE A 70 8.59 -12.93 2.31
C PHE A 70 8.36 -11.41 2.19
N HIS A 71 8.96 -10.66 3.10
CA HIS A 71 8.83 -9.22 3.13
C HIS A 71 9.39 -8.59 1.87
N GLY A 72 10.61 -8.98 1.50
CA GLY A 72 11.22 -8.41 0.30
C GLY A 72 10.45 -8.75 -0.97
N THR A 73 10.06 -10.02 -1.09
CA THR A 73 9.32 -10.46 -2.26
C THR A 73 7.97 -9.76 -2.35
N ALA A 74 7.27 -9.61 -1.23
CA ALA A 74 5.97 -8.92 -1.24
C ALA A 74 6.13 -7.48 -1.71
N LEU A 75 7.14 -6.80 -1.20
CA LEU A 75 7.37 -5.40 -1.59
C LEU A 75 7.72 -5.32 -3.07
N VAL A 76 8.55 -6.24 -3.56
CA VAL A 76 8.91 -6.21 -4.97
C VAL A 76 7.66 -6.48 -5.81
N ALA A 77 6.87 -7.48 -5.42
CA ALA A 77 5.68 -7.79 -6.18
C ALA A 77 4.71 -6.61 -6.22
N TYR A 78 4.59 -5.88 -5.12
CA TYR A 78 3.66 -4.77 -5.10
C TYR A 78 3.96 -3.65 -6.12
N THR A 79 5.25 -3.39 -6.39
CA THR A 79 5.61 -2.39 -7.37
C THR A 79 5.39 -2.98 -8.75
N GLY A 80 4.96 -4.24 -8.77
CA GLY A 80 4.69 -4.94 -10.02
C GLY A 80 3.25 -4.76 -10.48
N SER A 81 2.81 -5.63 -11.38
CA SER A 81 1.45 -5.53 -11.92
C SER A 81 0.34 -6.08 -11.02
N ILE A 82 0.69 -6.86 -10.00
CA ILE A 82 -0.32 -7.42 -9.10
C ILE A 82 -1.00 -6.31 -8.25
N ALA A 83 -0.37 -5.15 -8.18
CA ALA A 83 -0.89 -4.06 -7.35
C ALA A 83 -2.36 -3.66 -7.59
N VAL A 84 -2.79 -3.64 -8.84
CA VAL A 84 -4.17 -3.26 -9.14
C VAL A 84 -5.21 -4.22 -8.57
N ASP A 85 -5.08 -5.51 -8.84
CA ASP A 85 -6.05 -6.43 -8.29
C ASP A 85 -6.00 -6.52 -6.77
N PHE A 86 -4.79 -6.42 -6.20
CA PHE A 86 -4.64 -6.48 -4.75
C PHE A 86 -5.35 -5.29 -4.07
N ASN A 87 -5.10 -4.09 -4.58
CA ASN A 87 -5.70 -2.86 -4.06
C ASN A 87 -7.22 -2.95 -4.11
N ARG A 88 -7.73 -3.52 -5.21
CA ARG A 88 -9.16 -3.68 -5.38
C ARG A 88 -9.71 -4.61 -4.33
N ALA A 89 -9.08 -5.78 -4.22
CA ALA A 89 -9.49 -6.79 -3.24
C ALA A 89 -9.54 -6.23 -1.81
N VAL A 90 -8.56 -5.39 -1.46
CA VAL A 90 -8.50 -4.77 -0.13
C VAL A 90 -9.60 -3.70 0.05
N ARG A 91 -9.74 -2.84 -0.95
CA ARG A 91 -10.73 -1.78 -0.95
C ARG A 91 -12.16 -2.33 -0.79
N GLU A 92 -12.47 -3.39 -1.53
CA GLU A 92 -13.80 -3.98 -1.49
C GLU A 92 -13.92 -5.19 -0.57
N PHE A 93 -13.02 -5.28 0.40
CA PHE A 93 -13.02 -6.40 1.34
C PHE A 93 -14.32 -6.65 2.11
N LYS A 94 -14.75 -5.66 2.91
CA LYS A 94 -15.95 -5.80 3.73
C LYS A 94 -17.15 -6.17 2.89
N GLU A 95 -17.10 -5.82 1.61
CA GLU A 95 -18.18 -6.14 0.68
C GLU A 95 -18.44 -7.64 0.71
N ASN A 96 -17.38 -8.44 0.77
CA ASN A 96 -17.53 -9.91 0.84
C ASN A 96 -16.19 -10.60 1.17
N PRO A 97 -15.77 -10.53 2.44
CA PRO A 97 -14.52 -11.11 2.94
C PRO A 97 -14.24 -12.60 2.66
N GLY A 98 -15.26 -13.35 2.26
CA GLY A 98 -15.08 -14.77 1.99
C GLY A 98 -14.13 -15.10 0.85
N GLN A 99 -13.99 -14.19 -0.10
CA GLN A 99 -13.14 -14.46 -1.25
C GLN A 99 -11.93 -13.51 -1.37
N PHE A 100 -11.25 -13.28 -0.25
CA PHE A 100 -10.07 -12.42 -0.23
C PHE A 100 -8.86 -13.35 -0.22
N HIS A 101 -8.19 -13.43 -1.36
CA HIS A 101 -7.04 -14.32 -1.50
C HIS A 101 -5.68 -13.63 -1.53
N TYR A 102 -5.49 -12.77 -0.53
CA TYR A 102 -4.27 -11.99 -0.31
C TYR A 102 -4.03 -11.97 1.19
N LYS A 103 -4.53 -12.98 1.89
CA LYS A 103 -4.37 -13.05 3.35
C LYS A 103 -2.91 -12.93 3.77
N ALA A 104 -2.05 -13.81 3.24
CA ALA A 104 -0.63 -13.74 3.58
C ALA A 104 0.05 -12.55 2.91
N PHE A 105 -0.32 -12.27 1.65
CA PHE A 105 0.29 -11.18 0.92
C PHE A 105 0.12 -9.86 1.66
N HIS A 106 -1.12 -9.57 2.07
CA HIS A 106 -1.41 -8.34 2.79
C HIS A 106 -0.55 -8.25 4.07
N TYR A 107 -0.44 -9.36 4.79
CA TYR A 107 0.37 -9.34 6.00
C TYR A 107 1.84 -9.04 5.72
N TYR A 108 2.44 -9.75 4.78
CA TYR A 108 3.86 -9.55 4.47
C TYR A 108 4.17 -8.14 3.99
N LEU A 109 3.30 -7.59 3.15
CA LEU A 109 3.50 -6.23 2.64
C LEU A 109 3.37 -5.26 3.80
N THR A 110 2.33 -5.43 4.62
CA THR A 110 2.15 -4.54 5.77
C THR A 110 3.38 -4.59 6.70
N ARG A 111 3.82 -5.80 7.05
CA ARG A 111 4.96 -5.94 7.94
C ARG A 111 6.24 -5.37 7.31
N ALA A 112 6.39 -5.54 5.99
CA ALA A 112 7.57 -5.03 5.30
C ALA A 112 7.64 -3.51 5.50
N LEU A 113 6.52 -2.83 5.32
CA LEU A 113 6.50 -1.38 5.50
C LEU A 113 6.72 -0.97 6.96
N GLN A 114 6.18 -1.75 7.90
CA GLN A 114 6.37 -1.44 9.31
C GLN A 114 7.85 -1.60 9.71
N LEU A 115 8.46 -2.70 9.28
CA LEU A 115 9.88 -2.94 9.56
C LEU A 115 10.79 -1.87 8.97
N LEU A 116 10.43 -1.36 7.79
CA LEU A 116 11.25 -0.35 7.13
C LEU A 116 10.96 1.10 7.51
N SER A 117 9.88 1.32 8.27
CA SER A 117 9.50 2.67 8.67
C SER A 117 10.25 3.24 9.87
N ASN A 118 10.46 4.56 9.84
CA ASN A 118 11.14 5.29 10.91
C ASN A 118 10.20 6.41 11.30
N GLY A 119 10.78 7.49 11.80
CA GLY A 119 9.94 8.62 12.18
C GLY A 119 9.67 9.51 10.98
N ASP A 120 10.54 9.42 9.98
CA ASP A 120 10.48 10.22 8.76
C ASP A 120 9.09 10.51 8.13
N CYS A 121 8.85 11.77 7.85
CA CYS A 121 7.60 12.21 7.20
C CYS A 121 8.05 12.71 5.86
N HIS A 122 7.16 12.64 4.87
CA HIS A 122 7.53 13.09 3.53
C HIS A 122 6.45 13.92 2.87
N SER A 123 6.87 14.69 1.87
CA SER A 123 5.97 15.48 1.06
C SER A 123 5.95 14.68 -0.22
N VAL A 124 4.80 14.09 -0.55
CA VAL A 124 4.68 13.28 -1.75
C VAL A 124 3.50 13.68 -2.61
N TYR A 125 3.48 13.15 -3.83
CA TYR A 125 2.43 13.44 -4.78
C TYR A 125 1.95 12.15 -5.40
N ARG A 126 0.66 12.10 -5.71
CA ARG A 126 0.07 10.94 -6.34
C ARG A 126 -0.87 11.43 -7.42
N GLY A 127 -0.63 10.99 -8.64
CA GLY A 127 -1.48 11.37 -9.75
C GLY A 127 -2.36 10.21 -10.16
N THR A 128 -3.60 10.49 -10.56
CA THR A 128 -4.49 9.43 -11.02
C THR A 128 -5.22 9.90 -12.28
N LYS A 129 -5.87 8.96 -12.94
CA LYS A 129 -6.64 9.27 -14.13
C LYS A 129 -8.13 9.12 -13.78
N THR A 130 -8.40 8.80 -12.52
CA THR A 130 -9.79 8.68 -12.06
C THR A 130 -10.02 9.81 -11.06
N ARG A 131 -11.11 10.54 -11.24
CA ARG A 131 -11.43 11.66 -10.35
C ARG A 131 -11.89 11.19 -8.97
N PHE A 132 -11.33 11.80 -7.93
CA PHE A 132 -11.69 11.48 -6.56
C PHE A 132 -12.52 12.63 -5.94
N HIS A 133 -13.63 12.28 -5.31
CA HIS A 133 -14.53 13.25 -4.65
C HIS A 133 -14.54 13.02 -3.15
N TYR A 134 -14.09 14.02 -2.40
CA TYR A 134 -14.07 13.96 -0.93
C TYR A 134 -15.51 14.10 -0.43
N THR A 135 -16.02 13.07 0.25
CA THR A 135 -17.39 13.12 0.71
C THR A 135 -17.62 13.69 2.11
N GLY A 136 -16.77 14.63 2.51
CA GLY A 136 -16.89 15.32 3.79
C GLY A 136 -17.00 14.55 5.10
N ALA A 137 -16.40 13.36 5.16
CA ALA A 137 -16.43 12.54 6.38
C ALA A 137 -15.76 13.19 7.58
N GLY A 138 -14.78 14.05 7.33
CA GLY A 138 -14.09 14.70 8.44
C GLY A 138 -12.59 14.36 8.44
N SER A 139 -12.22 13.27 7.76
CA SER A 139 -10.84 12.82 7.64
C SER A 139 -10.77 11.80 6.51
N VAL A 140 -9.57 11.40 6.12
CA VAL A 140 -9.40 10.45 5.03
C VAL A 140 -8.36 9.37 5.30
N ARG A 141 -8.61 8.16 4.80
CA ARG A 141 -7.66 7.04 4.87
C ARG A 141 -7.76 6.50 3.46
N PHE A 142 -6.67 5.98 2.91
CA PHE A 142 -6.74 5.42 1.58
C PHE A 142 -7.31 4.01 1.63
N GLY A 143 -7.14 3.33 2.76
CA GLY A 143 -7.65 1.97 2.90
C GLY A 143 -6.69 0.96 2.29
N GLN A 144 -6.48 1.11 1.00
CA GLN A 144 -5.57 0.27 0.24
C GLN A 144 -4.17 0.89 0.33
N PHE A 145 -3.14 0.09 0.11
CA PHE A 145 -1.80 0.64 0.09
C PHE A 145 -1.85 1.55 -1.13
N THR A 146 -1.02 2.58 -1.15
CA THR A 146 -1.02 3.50 -2.26
C THR A 146 0.39 4.01 -2.51
N SER A 147 0.81 3.99 -3.76
CA SER A 147 2.13 4.46 -4.11
C SER A 147 2.03 5.95 -4.35
N SER A 148 3.17 6.62 -4.22
CA SER A 148 3.26 8.05 -4.42
C SER A 148 4.71 8.34 -4.77
N SER A 149 5.00 9.57 -5.17
CA SER A 149 6.37 9.96 -5.53
C SER A 149 6.80 11.26 -4.88
N LEU A 150 8.08 11.36 -4.53
CA LEU A 150 8.62 12.57 -3.91
C LEU A 150 8.61 13.69 -4.95
N SER A 151 8.61 13.31 -6.22
CA SER A 151 8.59 14.26 -7.32
C SER A 151 7.21 14.52 -7.89
N LYS A 152 6.79 15.77 -7.86
CA LYS A 152 5.49 16.16 -8.40
C LYS A 152 5.50 15.91 -9.91
N LYS A 153 6.65 16.05 -10.53
CA LYS A 153 6.77 15.83 -11.97
C LYS A 153 6.41 14.40 -12.35
N VAL A 154 6.96 13.43 -11.63
CA VAL A 154 6.68 12.03 -11.88
C VAL A 154 5.17 11.80 -11.72
N ALA A 155 4.63 12.29 -10.63
CA ALA A 155 3.21 12.14 -10.32
C ALA A 155 2.29 12.71 -11.40
N GLN A 156 2.69 13.84 -11.99
CA GLN A 156 1.89 14.49 -13.03
C GLN A 156 2.11 13.96 -14.43
N SER A 157 3.07 13.05 -14.60
CA SER A 157 3.36 12.48 -15.91
C SER A 157 2.19 11.68 -16.49
N GLN A 158 2.08 11.67 -17.83
CA GLN A 158 1.01 10.99 -18.56
C GLN A 158 0.93 9.53 -18.17
N GLU A 159 1.94 9.07 -17.45
CA GLU A 159 1.96 7.70 -16.96
C GLU A 159 0.89 7.47 -15.89
N PHE A 160 0.69 8.44 -15.01
CA PHE A 160 -0.26 8.30 -13.90
C PHE A 160 -1.45 9.26 -13.87
N PHE A 161 -1.24 10.41 -14.48
CA PHE A 161 -2.21 11.50 -14.46
C PHE A 161 -2.85 11.96 -15.76
N SER A 162 -4.05 12.53 -15.65
CA SER A 162 -4.82 13.08 -16.77
C SER A 162 -5.83 14.08 -16.21
N ASP A 163 -6.30 15.00 -17.07
CA ASP A 163 -7.30 16.02 -16.68
C ASP A 163 -8.51 15.33 -16.06
N HIS A 164 -8.82 14.13 -16.54
CA HIS A 164 -9.91 13.33 -16.03
C HIS A 164 -9.66 12.92 -14.57
N GLY A 165 -8.39 12.98 -14.15
CA GLY A 165 -8.05 12.51 -12.81
C GLY A 165 -7.87 13.47 -11.65
N THR A 166 -7.01 13.07 -10.71
CA THR A 166 -6.74 13.85 -9.52
C THR A 166 -5.27 13.86 -9.14
N LEU A 167 -4.81 14.97 -8.57
CA LEU A 167 -3.45 15.09 -8.07
C LEU A 167 -3.51 15.24 -6.55
N PHE A 168 -2.97 14.27 -5.84
CA PHE A 168 -2.96 14.36 -4.39
C PHE A 168 -1.61 14.96 -3.97
N ILE A 169 -1.66 15.88 -3.01
CA ILE A 169 -0.48 16.50 -2.43
C ILE A 169 -0.61 16.04 -0.99
N ILE A 170 0.26 15.11 -0.63
CA ILE A 170 0.25 14.44 0.66
C ILE A 170 1.42 14.59 1.62
N LYS A 171 1.11 14.79 2.89
CA LYS A 171 2.13 14.83 3.91
C LYS A 171 1.91 13.49 4.64
N THR A 172 2.86 12.58 4.52
CA THR A 172 2.75 11.27 5.16
C THR A 172 3.88 11.08 6.16
N CYS A 173 3.62 10.30 7.21
CA CYS A 173 4.64 10.06 8.21
C CYS A 173 4.79 8.55 8.43
N LEU A 174 3.99 7.76 7.71
CA LEU A 174 4.07 6.31 7.79
C LEU A 174 4.59 5.76 6.46
N GLY A 175 4.60 6.63 5.44
CA GLY A 175 5.07 6.24 4.13
C GLY A 175 6.54 5.86 4.11
N VAL A 176 6.87 4.81 3.36
CA VAL A 176 8.24 4.36 3.28
C VAL A 176 8.82 4.54 1.90
N TYR A 177 10.04 5.06 1.86
CA TYR A 177 10.78 5.29 0.62
C TYR A 177 11.33 3.93 0.20
N ILE A 178 10.83 3.41 -0.92
CA ILE A 178 11.18 2.08 -1.41
C ILE A 178 11.86 2.04 -2.76
N LYS A 179 12.67 3.05 -3.05
CA LYS A 179 13.35 3.12 -4.35
C LYS A 179 14.04 1.81 -4.68
N GLU A 180 14.60 1.19 -3.64
CA GLU A 180 15.35 -0.06 -3.73
C GLU A 180 14.49 -1.31 -3.79
N PHE A 181 13.30 -1.22 -4.38
CA PHE A 181 12.39 -2.35 -4.51
C PHE A 181 11.59 -2.21 -5.81
N SER A 182 11.45 -0.98 -6.27
CA SER A 182 10.70 -0.63 -7.48
C SER A 182 11.25 -1.14 -8.82
N PHE A 183 10.37 -1.67 -9.66
CA PHE A 183 10.74 -2.17 -10.99
C PHE A 183 11.26 -0.99 -11.81
N ARG A 184 10.81 0.21 -11.45
CA ARG A 184 11.22 1.45 -12.13
C ARG A 184 11.84 2.39 -11.09
N PRO A 185 13.17 2.39 -11.01
CA PRO A 185 13.99 3.20 -10.09
C PRO A 185 14.04 4.73 -10.24
N ASP A 186 13.35 5.29 -11.23
CA ASP A 186 13.35 6.73 -11.37
C ASP A 186 12.10 7.37 -10.76
N GLN A 187 11.19 6.52 -10.29
CA GLN A 187 9.92 6.96 -9.69
C GLN A 187 10.00 7.61 -8.32
N GLU A 188 11.11 7.37 -7.60
CA GLU A 188 11.28 7.92 -6.25
C GLU A 188 10.04 7.60 -5.43
N GLU A 189 9.58 6.35 -5.56
CA GLU A 189 8.37 5.90 -4.91
C GLU A 189 8.36 5.82 -3.38
N VAL A 190 7.26 6.28 -2.81
CA VAL A 190 7.06 6.22 -1.37
C VAL A 190 5.75 5.45 -1.26
N LEU A 191 5.78 4.34 -0.52
CA LEU A 191 4.59 3.51 -0.34
C LEU A 191 3.94 3.83 1.00
N ILE A 192 2.64 4.15 0.94
CA ILE A 192 1.85 4.54 2.11
C ILE A 192 0.84 3.47 2.52
N PRO A 193 0.82 3.09 3.82
CA PRO A 193 -0.14 2.07 4.25
C PRO A 193 -1.54 2.69 4.27
N GLY A 194 -2.55 1.89 3.97
CA GLY A 194 -3.92 2.38 3.92
C GLY A 194 -4.55 2.79 5.24
N TYR A 195 -3.88 2.51 6.35
CA TYR A 195 -4.42 2.86 7.65
C TYR A 195 -3.95 4.19 8.21
N GLU A 196 -3.16 4.94 7.44
CA GLU A 196 -2.73 6.26 7.89
C GLU A 196 -3.92 7.19 7.71
N VAL A 197 -4.15 8.06 8.70
CA VAL A 197 -5.25 8.99 8.66
C VAL A 197 -4.77 10.42 8.43
N TYR A 198 -5.46 11.14 7.55
CA TYR A 198 -5.16 12.53 7.26
C TYR A 198 -6.28 13.34 7.90
N GLN A 199 -5.94 14.05 8.97
CA GLN A 199 -6.91 14.86 9.72
C GLN A 199 -7.28 16.16 9.02
N LYS A 200 -6.46 16.60 8.08
CA LYS A 200 -6.75 17.83 7.35
C LYS A 200 -6.94 17.49 5.88
N VAL A 201 -8.09 17.85 5.33
CA VAL A 201 -8.41 17.54 3.93
C VAL A 201 -8.88 18.78 3.19
N ARG A 202 -8.20 19.13 2.10
CA ARG A 202 -8.62 20.29 1.33
C ARG A 202 -8.64 20.05 -0.16
N THR A 203 -9.79 20.29 -0.75
CA THR A 203 -9.94 20.13 -2.18
C THR A 203 -9.70 21.50 -2.78
N GLN A 204 -8.97 21.54 -3.88
CA GLN A 204 -8.66 22.79 -4.56
C GLN A 204 -8.89 22.62 -6.05
N GLY A 205 -9.79 23.44 -6.60
CA GLY A 205 -10.10 23.33 -8.01
C GLY A 205 -10.77 21.99 -8.28
N TYR A 206 -10.80 21.58 -9.54
CA TYR A 206 -11.45 20.32 -9.86
C TYR A 206 -10.60 19.07 -9.68
N ASN A 207 -9.28 19.20 -9.58
CA ASN A 207 -8.53 17.98 -9.44
C ASN A 207 -7.32 17.97 -8.53
N GLU A 208 -7.32 18.81 -7.49
CA GLU A 208 -6.22 18.80 -6.56
C GLU A 208 -6.77 18.54 -5.16
N ILE A 209 -6.14 17.63 -4.43
CA ILE A 209 -6.58 17.33 -3.07
C ILE A 209 -5.35 17.34 -2.18
N PHE A 210 -5.37 18.19 -1.15
CA PHE A 210 -4.27 18.30 -0.21
C PHE A 210 -4.62 17.46 1.03
N LEU A 211 -3.73 16.56 1.40
CA LEU A 211 -3.95 15.69 2.55
C LEU A 211 -2.86 15.98 3.54
N ASP A 212 -3.26 16.49 4.69
CA ASP A 212 -2.34 16.91 5.75
C ASP A 212 -2.64 16.32 7.14
N SER A 213 -1.84 16.75 8.11
CA SER A 213 -1.95 16.30 9.50
C SER A 213 -2.11 14.80 9.61
N PRO A 214 -1.13 14.04 9.09
CA PRO A 214 -1.19 12.58 9.15
C PRO A 214 -1.12 12.10 10.59
N LYS A 215 -1.77 10.99 10.86
CA LYS A 215 -1.80 10.43 12.20
C LYS A 215 -2.09 8.94 12.14
N ARG A 216 -1.46 8.17 13.00
CA ARG A 216 -1.75 6.76 13.00
C ARG A 216 -2.90 6.58 13.98
N LYS A 217 -3.87 5.74 13.60
CA LYS A 217 -5.03 5.45 14.42
C LYS A 217 -5.38 3.98 14.23
N LYS A 218 -6.07 3.42 15.22
CA LYS A 218 -6.47 2.03 15.20
C LYS A 218 -7.24 1.73 13.93
N SER A 219 -7.15 0.48 13.47
CA SER A 219 -7.84 0.04 12.27
C SER A 219 -9.14 -0.64 12.66
N ASN A 220 -10.00 -0.85 11.68
CA ASN A 220 -11.27 -1.53 11.90
C ASN A 220 -11.07 -3.03 12.08
N TYR A 221 -10.03 -3.56 11.44
CA TYR A 221 -9.71 -4.98 11.56
C TYR A 221 -8.36 -5.12 12.26
N ASN A 222 -8.18 -6.19 13.04
CA ASN A 222 -6.88 -6.42 13.68
C ASN A 222 -6.66 -7.91 13.84
N CYS A 223 -5.57 -8.39 13.28
CA CYS A 223 -5.23 -9.79 13.39
C CYS A 223 -6.38 -10.69 12.98
N LEU A 224 -7.11 -10.29 11.94
CA LEU A 224 -8.24 -11.08 11.46
C LEU A 224 -7.94 -12.52 11.17
N TYR A 225 -6.85 -12.78 10.43
CA TYR A 225 -6.52 -14.15 10.08
C TYR A 225 -5.47 -14.83 10.97
N SER A 226 -5.21 -14.26 12.15
CA SER A 226 -4.21 -14.83 13.05
C SER A 226 -4.69 -16.01 13.89
#